data_6QIL
#
_entry.id   6QIL
#
_cell.length_a   46.824
_cell.length_b   84.304
_cell.length_c   89.372
_cell.angle_alpha   96.240
_cell.angle_beta   93.750
_cell.angle_gamma   106.980
#
_symmetry.space_group_name_H-M   'P 1'
#
loop_
_entity.id
_entity.type
_entity.pdbx_description
1 polymer 'DNA binding protein'
2 polymer 'DNA (28-MER)'
3 polymer 'DNA (28-MER)'
4 non-polymer 'MANGANESE (II) ION'
5 non-polymer 'SULFATE ION'
6 non-polymer '2-(N-MORPHOLINO)-ETHANESULFONIC ACID'
7 water water
#
loop_
_entity_poly.entity_id
_entity_poly.type
_entity_poly.pdbx_seq_one_letter_code
_entity_poly.pdbx_strand_id
1 'polypeptide(L)'
;PDARSDARDLTAFQKNILTVLGEEARYGLAIKRELEEYYGEEVNHGRLYPNLDDLVNKGLVEKSELDKRTNEYALTNEGF
DAVVDDLEWTLSKFVADADRRERVETIVADDAAALE
;
A,B,C,D
2 'polydeoxyribonucleotide'
;(DG)(DC)(DG)(DA)(DG)(DG)(DT)(DG)(DT)(DA)(DA)(DA)(DT)(DT)(DG)(DT)(DC)(DT)(DG)(DA)
(DC)(DA)(DT)(DG)(DT)(DT)(DC)(DT)
;
E,G
3 'polydeoxyribonucleotide'
;(DA)(DG)(DA)(DA)(DC)(DA)(DT)(DG)(DT)(DC)(DA)(DG)(DA)(DC)(DA)(DA)(DT)(DT)(DT)(DA)
(DC)(DA)(DC)(DC)(DT)(DC)(DG)(DC)
;
F,H
#
loop_
_chem_comp.id
_chem_comp.type
_chem_comp.name
_chem_comp.formula
DA DNA linking 2'-DEOXYADENOSINE-5'-MONOPHOSPHATE 'C10 H14 N5 O6 P'
DC DNA linking 2'-DEOXYCYTIDINE-5'-MONOPHOSPHATE 'C9 H14 N3 O7 P'
DG DNA linking 2'-DEOXYGUANOSINE-5'-MONOPHOSPHATE 'C10 H14 N5 O7 P'
DT DNA linking THYMIDINE-5'-MONOPHOSPHATE 'C10 H15 N2 O8 P'
MES non-polymer '2-(N-MORPHOLINO)-ETHANESULFONIC ACID' 'C6 H13 N O4 S'
MN non-polymer 'MANGANESE (II) ION' 'Mn 2'
SO4 non-polymer 'SULFATE ION' 'O4 S -2'
#
# COMPACT_ATOMS: atom_id res chain seq x y z
N ASP A 2 -27.50 9.44 -16.79
CA ASP A 2 -26.95 8.10 -16.60
C ASP A 2 -25.67 8.15 -15.76
N ALA A 3 -25.42 7.06 -15.03
CA ALA A 3 -24.18 6.94 -14.26
C ALA A 3 -22.96 6.81 -15.17
N ARG A 4 -23.14 6.17 -16.31
CA ARG A 4 -22.01 5.93 -17.20
C ARG A 4 -21.51 7.22 -17.84
N SER A 5 -22.41 7.99 -18.46
CA SER A 5 -21.97 9.20 -19.16
C SER A 5 -21.19 10.12 -18.23
N ASP A 6 -21.40 10.00 -16.92
CA ASP A 6 -20.59 10.71 -15.95
C ASP A 6 -19.26 9.99 -15.70
N ALA A 7 -19.33 8.69 -15.41
CA ALA A 7 -18.13 7.98 -14.92
C ALA A 7 -17.04 7.92 -15.98
N ARG A 8 -17.42 7.82 -17.25
CA ARG A 8 -16.46 7.93 -18.35
C ARG A 8 -15.87 9.35 -18.30
N ASP A 9 -14.96 9.70 -19.22
CA ASP A 9 -14.56 11.10 -19.26
C ASP A 9 -13.53 11.47 -18.20
N LEU A 10 -13.89 11.25 -16.93
CA LEU A 10 -13.09 11.80 -15.88
C LEU A 10 -11.65 11.33 -16.00
N THR A 11 -10.75 12.19 -15.52
CA THR A 11 -9.35 11.84 -15.43
C THR A 11 -9.17 10.82 -14.30
N ALA A 12 -8.04 10.11 -14.35
CA ALA A 12 -7.76 9.19 -13.25
C ALA A 12 -7.73 9.94 -11.93
N PHE A 13 -7.10 11.12 -11.90
CA PHE A 13 -7.03 11.90 -10.67
C PHE A 13 -8.42 12.13 -10.09
N GLN A 14 -9.37 12.51 -10.92
CA GLN A 14 -10.67 12.82 -10.33
C GLN A 14 -11.46 11.56 -9.97
N LYS A 15 -11.27 10.44 -10.68
CA LYS A 15 -11.92 9.23 -10.20
C LYS A 15 -11.30 8.76 -8.89
N ASN A 16 -10.01 9.04 -8.68
CA ASN A 16 -9.39 8.73 -7.40
C ASN A 16 -9.96 9.63 -6.31
N ILE A 17 -10.23 10.88 -6.64
CA ILE A 17 -10.92 11.75 -5.68
C ILE A 17 -12.26 11.16 -5.32
N LEU A 18 -13.00 10.67 -6.32
CA LEU A 18 -14.31 10.09 -6.05
C LEU A 18 -14.18 8.84 -5.18
N THR A 19 -13.20 8.00 -5.46
CA THR A 19 -13.01 6.80 -4.64
C THR A 19 -12.76 7.17 -3.19
N VAL A 20 -11.83 8.11 -2.97
CA VAL A 20 -11.54 8.60 -1.63
C VAL A 20 -12.82 9.04 -0.94
N LEU A 21 -13.63 9.87 -1.62
CA LEU A 21 -14.85 10.36 -1.00
C LEU A 21 -15.89 9.26 -0.83
N GLY A 22 -15.81 8.19 -1.63
CA GLY A 22 -16.70 7.08 -1.44
C GLY A 22 -16.40 6.33 -0.15
N GLU A 23 -15.17 6.44 0.33
CA GLU A 23 -14.89 5.92 1.67
C GLU A 23 -15.56 6.80 2.74
N GLU A 24 -15.49 8.11 2.58
CA GLU A 24 -15.91 9.04 3.62
C GLU A 24 -15.85 10.46 3.08
N ALA A 25 -16.76 11.33 3.53
CA ALA A 25 -16.65 12.74 3.17
C ALA A 25 -15.51 13.40 3.96
N ARG A 26 -14.80 14.30 3.30
CA ARG A 26 -13.54 14.83 3.84
C ARG A 26 -13.35 16.28 3.43
N TYR A 27 -12.52 16.97 4.19
CA TYR A 27 -12.13 18.31 3.79
C TYR A 27 -10.93 18.26 2.86
N GLY A 28 -10.62 19.39 2.24
CA GLY A 28 -9.73 19.39 1.09
C GLY A 28 -8.39 18.75 1.39
N LEU A 29 -7.72 19.20 2.45
CA LEU A 29 -6.37 18.73 2.69
C LEU A 29 -6.35 17.27 3.14
N ALA A 30 -7.47 16.76 3.65
CA ALA A 30 -7.56 15.34 3.98
C ALA A 30 -7.61 14.50 2.70
N ILE A 31 -8.41 14.92 1.72
CA ILE A 31 -8.34 14.31 0.40
C ILE A 31 -6.90 14.36 -0.10
N LYS A 32 -6.26 15.51 0.04
CA LYS A 32 -4.90 15.66 -0.45
C LYS A 32 -3.98 14.61 0.16
N ARG A 33 -4.04 14.44 1.48
CA ARG A 33 -3.15 13.49 2.13
C ARG A 33 -3.45 12.06 1.70
N GLU A 34 -4.74 11.73 1.54
CA GLU A 34 -5.12 10.40 1.07
C GLU A 34 -4.55 10.13 -0.32
N LEU A 35 -4.65 11.11 -1.21
CA LEU A 35 -4.09 10.93 -2.53
C LEU A 35 -2.57 10.88 -2.48
N GLU A 36 -1.95 11.58 -1.55
CA GLU A 36 -0.50 11.46 -1.43
C GLU A 36 -0.11 10.06 -0.98
N GLU A 37 -0.95 9.42 -0.15
CA GLU A 37 -0.62 8.06 0.26
C GLU A 37 -0.80 7.08 -0.89
N TYR A 38 -1.78 7.34 -1.75
CA TYR A 38 -1.97 6.49 -2.93
C TYR A 38 -0.81 6.68 -3.91
N TYR A 39 -0.62 7.92 -4.38
CA TYR A 39 0.39 8.17 -5.41
C TYR A 39 1.81 7.94 -4.89
N GLY A 40 2.05 8.12 -3.59
CA GLY A 40 3.40 8.14 -3.09
C GLY A 40 4.19 9.34 -3.55
N GLU A 41 3.50 10.46 -3.83
CA GLU A 41 4.10 11.69 -4.30
C GLU A 41 3.35 12.84 -3.67
N GLU A 42 4.01 13.99 -3.54
CA GLU A 42 3.27 15.14 -3.06
C GLU A 42 2.26 15.57 -4.13
N VAL A 43 1.06 15.89 -3.67
CA VAL A 43 -0.04 16.28 -4.55
C VAL A 43 -0.22 17.78 -4.39
N ASN A 44 -0.11 18.52 -5.49
CA ASN A 44 -0.18 19.97 -5.41
C ASN A 44 -1.62 20.41 -5.17
N HIS A 45 -1.82 21.21 -4.12
CA HIS A 45 -3.16 21.71 -3.83
C HIS A 45 -3.70 22.55 -4.96
N GLY A 46 -2.83 23.24 -5.70
CA GLY A 46 -3.26 23.97 -6.88
C GLY A 46 -3.82 23.09 -7.97
N ARG A 47 -3.61 21.77 -7.87
CA ARG A 47 -4.21 20.79 -8.75
C ARG A 47 -5.51 20.23 -8.18
N LEU A 48 -5.55 20.01 -6.87
CA LEU A 48 -6.70 19.35 -6.27
C LEU A 48 -7.91 20.27 -6.26
N TYR A 49 -7.74 21.51 -5.79
CA TYR A 49 -8.93 22.35 -5.62
C TYR A 49 -9.63 22.63 -6.93
N PRO A 50 -8.95 23.05 -8.01
CA PRO A 50 -9.63 23.12 -9.32
C PRO A 50 -10.36 21.84 -9.70
N ASN A 51 -9.78 20.68 -9.38
CA ASN A 51 -10.41 19.43 -9.80
C ASN A 51 -11.66 19.12 -8.98
N LEU A 52 -11.61 19.38 -7.67
CA LEU A 52 -12.83 19.26 -6.88
C LEU A 52 -13.89 20.23 -7.38
N ASP A 53 -13.49 21.45 -7.72
CA ASP A 53 -14.43 22.40 -8.30
C ASP A 53 -15.10 21.82 -9.53
N ASP A 54 -14.33 21.18 -10.41
CA ASP A 54 -14.92 20.66 -11.64
C ASP A 54 -15.82 19.48 -11.36
N LEU A 55 -15.45 18.63 -10.39
CA LEU A 55 -16.35 17.56 -9.97
C LEU A 55 -17.65 18.12 -9.38
N VAL A 56 -17.61 19.34 -8.82
CA VAL A 56 -18.83 19.95 -8.31
C VAL A 56 -19.71 20.44 -9.44
N ASN A 57 -19.12 21.14 -10.40
CA ASN A 57 -19.98 21.59 -11.50
C ASN A 57 -20.52 20.42 -12.32
N LYS A 58 -19.94 19.22 -12.22
CA LYS A 58 -20.51 18.04 -12.86
C LYS A 58 -21.55 17.35 -11.98
N GLY A 59 -21.79 17.85 -10.78
CA GLY A 59 -22.83 17.30 -9.92
C GLY A 59 -22.48 16.02 -9.22
N LEU A 60 -21.19 15.66 -9.19
CA LEU A 60 -20.73 14.44 -8.55
C LEU A 60 -20.14 14.65 -7.16
N VAL A 61 -19.85 15.90 -6.80
CA VAL A 61 -19.32 16.23 -5.49
C VAL A 61 -20.07 17.44 -4.96
N GLU A 62 -20.42 17.38 -3.68
CA GLU A 62 -21.05 18.44 -2.95
C GLU A 62 -19.98 19.15 -2.12
N LYS A 63 -20.00 20.48 -2.14
CA LYS A 63 -19.04 21.31 -1.43
C LYS A 63 -19.83 22.11 -0.40
N SER A 64 -19.72 21.71 0.86
CA SER A 64 -20.39 22.43 1.93
C SER A 64 -19.32 23.05 2.83
N GLU A 65 -19.76 23.97 3.68
CA GLU A 65 -18.86 24.69 4.56
C GLU A 65 -18.79 24.00 5.91
N LEU A 66 -17.57 23.76 6.38
CA LEU A 66 -17.31 23.27 7.73
C LEU A 66 -16.83 24.38 8.65
N ASP A 67 -15.82 25.13 8.21
CA ASP A 67 -15.38 26.38 8.81
C ASP A 67 -15.51 27.49 7.78
N LYS A 68 -15.17 28.71 8.19
CA LYS A 68 -14.95 29.77 7.22
C LYS A 68 -13.59 29.64 6.52
N ARG A 69 -12.79 28.63 6.90
CA ARG A 69 -11.57 28.29 6.19
C ARG A 69 -11.54 26.86 5.70
N THR A 70 -12.52 26.04 6.06
CA THR A 70 -12.54 24.63 5.74
C THR A 70 -13.83 24.27 5.01
N ASN A 71 -13.70 23.49 3.95
CA ASN A 71 -14.85 22.97 3.23
C ASN A 71 -14.87 21.46 3.40
N GLU A 72 -16.06 20.89 3.46
CA GLU A 72 -16.24 19.46 3.41
C GLU A 72 -16.75 19.08 2.03
N TYR A 73 -16.13 18.06 1.44
CA TYR A 73 -16.49 17.56 0.13
C TYR A 73 -17.08 16.17 0.30
N ALA A 74 -18.23 15.94 -0.32
CA ALA A 74 -18.91 14.67 -0.20
C ALA A 74 -19.44 14.23 -1.55
N LEU A 75 -19.72 12.95 -1.70
CA LEU A 75 -20.26 12.46 -2.96
C LEU A 75 -21.75 12.77 -3.03
N THR A 76 -22.18 13.37 -4.13
CA THR A 76 -23.60 13.40 -4.44
C THR A 76 -24.06 12.01 -4.83
N ASN A 77 -25.38 11.82 -4.87
CA ASN A 77 -25.91 10.54 -5.33
C ASN A 77 -25.43 10.20 -6.74
N GLU A 78 -25.23 11.22 -7.57
CA GLU A 78 -24.72 11.02 -8.91
C GLU A 78 -23.26 10.59 -8.90
N GLY A 79 -22.43 11.21 -8.06
CA GLY A 79 -21.06 10.80 -7.95
C GLY A 79 -20.92 9.40 -7.40
N PHE A 80 -21.82 9.02 -6.50
CA PHE A 80 -21.85 7.65 -6.02
C PHE A 80 -22.21 6.70 -7.16
N ASP A 81 -23.21 7.06 -7.96
CA ASP A 81 -23.57 6.20 -9.09
C ASP A 81 -22.40 6.08 -10.07
N ALA A 82 -21.59 7.14 -10.21
CA ALA A 82 -20.38 7.05 -11.02
C ALA A 82 -19.40 6.04 -10.45
N VAL A 83 -19.15 6.14 -9.14
CA VAL A 83 -18.25 5.18 -8.49
C VAL A 83 -18.75 3.75 -8.72
N VAL A 84 -20.03 3.50 -8.44
CA VAL A 84 -20.57 2.16 -8.60
C VAL A 84 -20.45 1.71 -10.05
N ASP A 85 -20.66 2.62 -11.00
CA ASP A 85 -20.65 2.21 -12.39
C ASP A 85 -19.26 1.76 -12.81
N ASP A 86 -18.23 2.52 -12.44
CA ASP A 86 -16.88 2.09 -12.81
C ASP A 86 -16.49 0.82 -12.08
N LEU A 87 -16.90 0.67 -10.81
CA LEU A 87 -16.66 -0.60 -10.12
C LEU A 87 -17.33 -1.76 -10.84
N GLU A 88 -18.56 -1.55 -11.30
CA GLU A 88 -19.27 -2.60 -12.03
C GLU A 88 -18.56 -2.94 -13.32
N TRP A 89 -18.07 -1.94 -14.05
CA TRP A 89 -17.37 -2.24 -15.29
C TRP A 89 -16.08 -3.01 -15.01
N THR A 90 -15.33 -2.55 -14.02
CA THR A 90 -14.09 -3.21 -13.66
C THR A 90 -14.35 -4.67 -13.32
N LEU A 91 -15.33 -4.93 -12.44
CA LEU A 91 -15.60 -6.32 -12.06
C LEU A 91 -16.14 -7.12 -13.23
N SER A 92 -17.00 -6.52 -14.06
CA SER A 92 -17.56 -7.23 -15.20
C SER A 92 -16.45 -7.80 -16.07
N LYS A 93 -15.33 -7.09 -16.16
CA LYS A 93 -14.23 -7.58 -16.98
C LYS A 93 -13.16 -8.34 -16.20
N PHE A 94 -13.12 -8.21 -14.87
CA PHE A 94 -12.17 -8.98 -14.07
C PHE A 94 -12.70 -10.37 -13.76
N VAL A 95 -13.96 -10.48 -13.36
CA VAL A 95 -14.55 -11.77 -13.05
C VAL A 95 -14.80 -12.55 -14.35
N ALA A 96 -13.72 -13.03 -14.95
CA ALA A 96 -13.79 -13.76 -16.20
C ALA A 96 -13.82 -15.27 -16.03
N ASP A 97 -13.66 -15.79 -14.80
CA ASP A 97 -13.75 -17.22 -14.54
C ASP A 97 -13.86 -17.42 -13.04
N ALA A 98 -13.83 -18.69 -12.60
CA ALA A 98 -14.14 -18.99 -11.20
C ALA A 98 -13.02 -18.56 -10.28
N ASP A 99 -11.77 -18.70 -10.71
CA ASP A 99 -10.65 -18.29 -9.85
C ASP A 99 -10.66 -16.78 -9.65
N ARG A 100 -10.99 -16.02 -10.70
CA ARG A 100 -11.12 -14.58 -10.56
C ARG A 100 -12.20 -14.23 -9.54
N ARG A 101 -13.34 -14.93 -9.60
CA ARG A 101 -14.39 -14.65 -8.63
C ARG A 101 -13.91 -14.93 -7.21
N GLU A 102 -13.29 -16.10 -6.99
CA GLU A 102 -12.84 -16.42 -5.64
C GLU A 102 -11.79 -15.42 -5.16
N ARG A 103 -11.00 -14.86 -6.08
CA ARG A 103 -10.05 -13.83 -5.71
C ARG A 103 -10.76 -12.56 -5.25
N VAL A 104 -11.76 -12.11 -6.01
CA VAL A 104 -12.50 -10.92 -5.59
C VAL A 104 -13.19 -11.17 -4.25
N GLU A 105 -13.74 -12.37 -4.07
CA GLU A 105 -14.42 -12.68 -2.82
C GLU A 105 -13.47 -12.59 -1.65
N THR A 106 -12.22 -13.02 -1.84
CA THR A 106 -11.22 -12.94 -0.78
C THR A 106 -10.86 -11.51 -0.46
N ILE A 107 -10.62 -10.70 -1.50
CA ILE A 107 -10.38 -9.28 -1.27
C ILE A 107 -11.51 -8.68 -0.44
N VAL A 108 -12.75 -8.85 -0.88
CA VAL A 108 -13.89 -8.22 -0.20
C VAL A 108 -14.02 -8.72 1.24
N ALA A 109 -13.76 -10.02 1.47
CA ALA A 109 -13.90 -10.55 2.83
C ALA A 109 -12.80 -10.02 3.74
N ASP A 110 -11.60 -9.82 3.20
CA ASP A 110 -10.54 -9.21 3.99
C ASP A 110 -10.85 -7.76 4.31
N ASP A 111 -11.32 -7.00 3.32
CA ASP A 111 -11.79 -5.63 3.57
C ASP A 111 -12.82 -5.62 4.69
N ALA A 112 -13.87 -6.42 4.56
CA ALA A 112 -14.92 -6.43 5.57
C ALA A 112 -14.32 -6.68 6.95
N ALA A 113 -13.51 -7.74 7.08
CA ALA A 113 -12.88 -8.04 8.36
C ALA A 113 -12.08 -6.85 8.89
N ALA A 114 -11.48 -6.08 7.98
CA ALA A 114 -10.69 -4.91 8.39
C ALA A 114 -11.57 -3.77 8.89
N LEU A 115 -12.87 -3.79 8.58
CA LEU A 115 -13.78 -2.81 9.18
C LEU A 115 -13.84 -2.96 10.69
N GLU A 116 -12.98 -3.81 11.25
CA GLU A 116 -12.78 -3.86 12.68
C GLU A 116 -11.34 -3.58 13.12
N PRO B 1 9.26 -6.78 -9.86
CA PRO B 1 8.82 -5.40 -10.14
C PRO B 1 7.38 -5.12 -9.70
N ASP B 2 7.23 -4.15 -8.80
CA ASP B 2 5.92 -3.85 -8.24
C ASP B 2 5.09 -3.06 -9.25
N ALA B 3 3.90 -3.58 -9.54
CA ALA B 3 2.99 -2.89 -10.45
C ALA B 3 2.50 -1.58 -9.85
N ARG B 4 2.46 -1.48 -8.52
CA ARG B 4 2.05 -0.24 -7.89
C ARG B 4 2.96 0.91 -8.30
N SER B 5 4.27 0.65 -8.39
CA SER B 5 5.23 1.67 -8.77
C SER B 5 5.04 2.16 -10.20
N ASP B 6 4.36 1.38 -11.05
CA ASP B 6 4.29 1.66 -12.48
C ASP B 6 2.89 1.96 -12.98
N ALA B 7 1.86 1.67 -12.20
CA ALA B 7 0.50 1.74 -12.69
C ALA B 7 -0.37 2.77 -12.01
N ARG B 8 0.10 3.43 -10.96
CA ARG B 8 -0.76 4.38 -10.26
C ARG B 8 -0.74 5.76 -10.90
N ASP B 9 0.18 6.00 -11.84
CA ASP B 9 0.25 7.27 -12.56
C ASP B 9 -0.35 7.20 -13.94
N LEU B 10 -0.81 6.02 -14.36
CA LEU B 10 -1.41 5.86 -15.68
C LEU B 10 -2.60 6.79 -15.85
N THR B 11 -2.89 7.11 -17.10
CA THR B 11 -4.11 7.83 -17.43
C THR B 11 -5.32 6.91 -17.32
N ALA B 12 -6.50 7.51 -17.28
CA ALA B 12 -7.74 6.73 -17.25
C ALA B 12 -7.85 5.83 -18.49
N PHE B 13 -7.48 6.35 -19.66
CA PHE B 13 -7.51 5.57 -20.89
C PHE B 13 -6.63 4.32 -20.77
N GLN B 14 -5.39 4.50 -20.30
CA GLN B 14 -4.48 3.37 -20.14
C GLN B 14 -5.02 2.37 -19.13
N LYS B 15 -5.60 2.86 -18.03
CA LYS B 15 -6.16 1.93 -17.07
C LYS B 15 -7.29 1.13 -17.70
N ASN B 16 -8.13 1.77 -18.51
CA ASN B 16 -9.20 1.04 -19.19
C ASN B 16 -8.65 -0.01 -20.14
N ILE B 17 -7.53 0.30 -20.81
CA ILE B 17 -6.92 -0.72 -21.68
C ILE B 17 -6.48 -1.92 -20.86
N LEU B 18 -5.83 -1.67 -19.72
CA LEU B 18 -5.45 -2.79 -18.86
C LEU B 18 -6.69 -3.57 -18.42
N THR B 19 -7.76 -2.86 -18.09
CA THR B 19 -8.98 -3.54 -17.69
C THR B 19 -9.48 -4.46 -18.80
N VAL B 20 -9.59 -3.92 -20.02
CA VAL B 20 -10.04 -4.71 -21.16
C VAL B 20 -9.17 -5.96 -21.31
N LEU B 21 -7.86 -5.79 -21.25
CA LEU B 21 -6.98 -6.96 -21.41
C LEU B 21 -7.08 -7.91 -20.23
N GLY B 22 -7.52 -7.43 -19.06
CA GLY B 22 -7.71 -8.33 -17.93
C GLY B 22 -8.72 -9.43 -18.22
N GLU B 23 -9.74 -9.13 -19.03
CA GLU B 23 -10.70 -10.16 -19.41
C GLU B 23 -10.03 -11.21 -20.29
N GLU B 24 -9.39 -10.79 -21.37
CA GLU B 24 -8.65 -11.70 -22.23
C GLU B 24 -7.81 -10.88 -23.19
N ALA B 25 -6.71 -11.48 -23.66
CA ALA B 25 -5.89 -10.83 -24.67
C ALA B 25 -6.70 -10.61 -25.93
N ARG B 26 -6.39 -9.51 -26.63
CA ARG B 26 -7.14 -9.12 -27.82
C ARG B 26 -6.18 -8.46 -28.80
N TYR B 27 -6.54 -8.51 -30.07
CA TYR B 27 -5.78 -7.73 -31.05
C TYR B 27 -6.27 -6.29 -31.04
N GLY B 28 -5.47 -5.42 -31.65
CA GLY B 28 -5.66 -3.99 -31.48
C GLY B 28 -7.08 -3.47 -31.64
N LEU B 29 -7.66 -3.70 -32.81
CA LEU B 29 -8.97 -3.11 -33.10
C LEU B 29 -10.08 -3.72 -32.26
N ALA B 30 -9.88 -4.92 -31.71
CA ALA B 30 -10.84 -5.46 -30.77
C ALA B 30 -10.83 -4.66 -29.49
N ILE B 31 -9.64 -4.31 -29.01
CA ILE B 31 -9.54 -3.38 -27.88
C ILE B 31 -10.24 -2.08 -28.21
N LYS B 32 -9.90 -1.50 -29.37
CA LYS B 32 -10.57 -0.29 -29.81
C LYS B 32 -12.07 -0.41 -29.64
N ARG B 33 -12.65 -1.50 -30.15
CA ARG B 33 -14.10 -1.66 -30.12
C ARG B 33 -14.64 -1.75 -28.70
N GLU B 34 -14.00 -2.54 -27.84
CA GLU B 34 -14.54 -2.68 -26.49
C GLU B 34 -14.41 -1.36 -25.71
N LEU B 35 -13.34 -0.63 -25.96
CA LEU B 35 -13.24 0.71 -25.38
C LEU B 35 -14.37 1.59 -25.91
N GLU B 36 -14.67 1.49 -27.20
CA GLU B 36 -15.72 2.32 -27.78
C GLU B 36 -17.07 1.97 -27.15
N GLU B 37 -17.29 0.70 -26.83
CA GLU B 37 -18.51 0.35 -26.13
C GLU B 37 -18.55 0.99 -24.76
N TYR B 38 -17.42 1.03 -24.06
CA TYR B 38 -17.41 1.65 -22.74
C TYR B 38 -17.67 3.15 -22.84
N TYR B 39 -17.01 3.82 -23.78
CA TYR B 39 -17.07 5.26 -23.89
C TYR B 39 -18.31 5.76 -24.61
N GLY B 40 -19.04 4.88 -25.29
CA GLY B 40 -20.20 5.27 -26.06
C GLY B 40 -19.90 6.04 -27.32
N GLU B 41 -18.63 6.30 -27.64
CA GLU B 41 -18.26 7.06 -28.82
C GLU B 41 -17.01 6.45 -29.43
N GLU B 42 -16.58 7.00 -30.57
CA GLU B 42 -15.46 6.45 -31.29
C GLU B 42 -14.15 6.74 -30.57
N VAL B 43 -13.24 5.76 -30.62
CA VAL B 43 -11.88 5.90 -30.13
C VAL B 43 -10.96 5.94 -31.33
N ASN B 44 -10.14 6.98 -31.41
CA ASN B 44 -9.25 7.13 -32.56
C ASN B 44 -8.08 6.18 -32.40
N HIS B 45 -7.83 5.37 -33.44
CA HIS B 45 -6.75 4.39 -33.35
C HIS B 45 -5.39 5.08 -33.18
N GLY B 46 -5.26 6.32 -33.67
CA GLY B 46 -4.06 7.09 -33.43
C GLY B 46 -3.83 7.46 -31.98
N ARG B 47 -4.86 7.31 -31.15
CA ARG B 47 -4.74 7.40 -29.70
C ARG B 47 -4.47 6.04 -29.07
N LEU B 48 -5.10 5.00 -29.61
CA LEU B 48 -4.97 3.67 -29.02
C LEU B 48 -3.54 3.17 -29.14
N TYR B 49 -3.04 3.09 -30.36
CA TYR B 49 -1.79 2.37 -30.55
C TYR B 49 -0.62 2.97 -29.79
N PRO B 50 -0.41 4.28 -29.78
CA PRO B 50 0.70 4.82 -28.96
C PRO B 50 0.54 4.55 -27.47
N ASN B 51 -0.69 4.46 -26.96
CA ASN B 51 -0.85 4.16 -25.53
C ASN B 51 -0.64 2.68 -25.25
N LEU B 52 -1.01 1.81 -26.19
CA LEU B 52 -0.61 0.41 -26.08
C LEU B 52 0.91 0.30 -26.07
N ASP B 53 1.59 1.07 -26.92
CA ASP B 53 3.05 1.05 -26.95
C ASP B 53 3.64 1.58 -25.64
N ASP B 54 3.04 2.63 -25.04
CA ASP B 54 3.55 3.09 -23.74
C ASP B 54 3.35 2.03 -22.67
N LEU B 55 2.16 1.43 -22.61
CA LEU B 55 1.95 0.35 -21.66
C LEU B 55 2.92 -0.79 -21.88
N VAL B 56 3.31 -1.03 -23.14
CA VAL B 56 4.26 -2.09 -23.42
C VAL B 56 5.63 -1.74 -22.86
N ASN B 57 6.07 -0.51 -23.06
CA ASN B 57 7.40 -0.18 -22.57
C ASN B 57 7.44 -0.08 -21.05
N LYS B 58 6.31 0.18 -20.41
CA LYS B 58 6.25 0.16 -18.95
C LYS B 58 6.16 -1.26 -18.39
N GLY B 59 6.19 -2.27 -19.24
CA GLY B 59 6.18 -3.64 -18.79
C GLY B 59 4.83 -4.17 -18.35
N LEU B 60 3.75 -3.47 -18.69
CA LEU B 60 2.40 -3.92 -18.32
C LEU B 60 1.68 -4.66 -19.44
N VAL B 61 2.13 -4.53 -20.68
CA VAL B 61 1.50 -5.16 -21.83
C VAL B 61 2.57 -5.79 -22.72
N GLU B 62 2.26 -6.97 -23.25
CA GLU B 62 3.11 -7.66 -24.19
C GLU B 62 2.47 -7.61 -25.56
N LYS B 63 3.29 -7.35 -26.58
CA LYS B 63 2.85 -7.20 -27.97
C LYS B 63 3.46 -8.34 -28.77
N SER B 64 2.62 -9.29 -29.16
CA SER B 64 3.00 -10.42 -30.01
C SER B 64 2.40 -10.21 -31.40
N GLU B 65 2.90 -10.97 -32.37
CA GLU B 65 2.39 -10.89 -33.73
C GLU B 65 1.58 -12.14 -34.03
N LEU B 66 0.29 -11.95 -34.32
CA LEU B 66 -0.54 -13.07 -34.79
C LEU B 66 -0.22 -13.37 -36.25
N ASP B 67 -0.61 -12.48 -37.15
CA ASP B 67 -0.08 -12.45 -38.50
C ASP B 67 0.67 -11.14 -38.69
N LYS B 68 1.23 -10.93 -39.87
CA LYS B 68 2.17 -9.84 -40.02
C LYS B 68 1.49 -8.51 -40.35
N ARG B 69 0.17 -8.43 -40.19
CA ARG B 69 -0.52 -7.15 -40.08
C ARG B 69 -1.22 -6.95 -38.75
N THR B 70 -1.37 -8.02 -37.96
CA THR B 70 -2.15 -7.98 -36.72
C THR B 70 -1.25 -8.30 -35.54
N ASN B 71 -1.44 -7.56 -34.46
CA ASN B 71 -0.73 -7.81 -33.21
C ASN B 71 -1.72 -8.22 -32.13
N GLU B 72 -1.30 -9.14 -31.28
CA GLU B 72 -2.06 -9.54 -30.10
C GLU B 72 -1.44 -8.88 -28.88
N TYR B 73 -2.24 -8.15 -28.13
CA TYR B 73 -1.80 -7.51 -26.90
C TYR B 73 -2.32 -8.31 -25.71
N ALA B 74 -1.50 -8.42 -24.68
CA ALA B 74 -1.88 -9.21 -23.51
C ALA B 74 -1.16 -8.70 -22.28
N LEU B 75 -1.76 -8.87 -21.12
CA LEU B 75 -1.11 -8.41 -19.90
C LEU B 75 0.11 -9.26 -19.61
N THR B 76 1.20 -8.59 -19.24
CA THR B 76 2.29 -9.27 -18.56
C THR B 76 1.82 -9.66 -17.16
N ASN B 77 2.69 -10.33 -16.40
CA ASN B 77 2.36 -10.59 -15.01
C ASN B 77 2.23 -9.26 -14.26
N GLU B 78 3.10 -8.30 -14.57
CA GLU B 78 3.02 -7.01 -13.91
C GLU B 78 1.74 -6.27 -14.29
N GLY B 79 1.25 -6.46 -15.51
CA GLY B 79 0.00 -5.81 -15.90
C GLY B 79 -1.19 -6.41 -15.16
N PHE B 80 -1.16 -7.72 -14.93
CA PHE B 80 -2.21 -8.33 -14.15
C PHE B 80 -2.14 -7.85 -12.71
N ASP B 81 -0.94 -7.71 -12.17
CA ASP B 81 -0.83 -7.18 -10.81
C ASP B 81 -1.31 -5.74 -10.76
N ALA B 82 -1.12 -4.97 -11.83
CA ALA B 82 -1.63 -3.61 -11.85
C ALA B 82 -3.15 -3.59 -11.79
N VAL B 83 -3.80 -4.48 -12.56
CA VAL B 83 -5.25 -4.53 -12.54
C VAL B 83 -5.75 -4.94 -11.16
N VAL B 84 -5.09 -5.93 -10.55
CA VAL B 84 -5.52 -6.39 -9.25
C VAL B 84 -5.27 -5.33 -8.18
N ASP B 85 -4.14 -4.63 -8.26
CA ASP B 85 -3.84 -3.61 -7.26
C ASP B 85 -4.84 -2.46 -7.34
N ASP B 86 -5.23 -2.05 -8.55
CA ASP B 86 -6.23 -1.00 -8.69
C ASP B 86 -7.58 -1.46 -8.16
N LEU B 87 -7.95 -2.72 -8.44
CA LEU B 87 -9.20 -3.25 -7.93
C LEU B 87 -9.21 -3.29 -6.42
N GLU B 88 -8.08 -3.68 -5.81
CA GLU B 88 -7.99 -3.73 -4.36
C GLU B 88 -8.08 -2.33 -3.76
N TRP B 89 -7.49 -1.34 -4.42
CA TRP B 89 -7.61 0.03 -3.93
CA TRP B 89 -7.61 0.04 -3.97
C TRP B 89 -9.05 0.49 -3.96
N THR B 90 -9.70 0.40 -5.14
CA THR B 90 -11.09 0.80 -5.26
C THR B 90 -11.93 0.11 -4.19
N LEU B 91 -11.72 -1.19 -4.00
CA LEU B 91 -12.56 -1.91 -3.05
C LEU B 91 -12.30 -1.45 -1.61
N SER B 92 -11.02 -1.32 -1.22
CA SER B 92 -10.71 -0.92 0.15
C SER B 92 -11.39 0.38 0.50
N LYS B 93 -11.63 1.25 -0.49
CA LYS B 93 -12.38 2.46 -0.20
C LYS B 93 -13.88 2.28 -0.35
N PHE B 94 -14.34 1.34 -1.18
CA PHE B 94 -15.77 1.18 -1.37
C PHE B 94 -16.41 0.36 -0.27
N VAL B 95 -15.78 -0.75 0.12
CA VAL B 95 -16.33 -1.60 1.17
C VAL B 95 -16.18 -0.89 2.51
N ALA B 96 -17.06 0.08 2.77
CA ALA B 96 -17.02 0.89 3.98
C ALA B 96 -17.97 0.40 5.06
N ASP B 97 -18.91 -0.48 4.73
CA ASP B 97 -19.86 -1.03 5.68
C ASP B 97 -20.51 -2.26 5.04
N ALA B 98 -21.33 -2.95 5.83
CA ALA B 98 -21.94 -4.21 5.38
C ALA B 98 -22.80 -4.02 4.14
N ASP B 99 -23.48 -2.88 4.02
CA ASP B 99 -24.32 -2.73 2.84
C ASP B 99 -23.45 -2.52 1.59
N ARG B 100 -22.51 -1.58 1.62
CA ARG B 100 -21.58 -1.45 0.49
C ARG B 100 -21.03 -2.83 0.08
N ARG B 101 -20.72 -3.66 1.07
CA ARG B 101 -20.15 -4.96 0.75
C ARG B 101 -21.15 -5.85 0.04
N GLU B 102 -22.34 -6.04 0.61
CA GLU B 102 -23.28 -6.94 -0.04
C GLU B 102 -23.63 -6.44 -1.44
N ARG B 103 -23.59 -5.13 -1.64
CA ARG B 103 -23.69 -4.61 -3.01
C ARG B 103 -22.61 -5.23 -3.88
N VAL B 104 -21.37 -5.21 -3.41
CA VAL B 104 -20.30 -5.82 -4.22
C VAL B 104 -20.56 -7.32 -4.40
N GLU B 105 -21.09 -7.97 -3.37
CA GLU B 105 -21.31 -9.41 -3.42
C GLU B 105 -22.31 -9.76 -4.51
N THR B 106 -23.40 -9.01 -4.59
CA THR B 106 -24.39 -9.27 -5.64
C THR B 106 -23.85 -8.90 -7.01
N ILE B 107 -23.03 -7.85 -7.11
CA ILE B 107 -22.39 -7.53 -8.39
C ILE B 107 -21.58 -8.73 -8.89
N VAL B 108 -20.73 -9.27 -8.01
CA VAL B 108 -19.90 -10.40 -8.38
C VAL B 108 -20.76 -11.60 -8.73
N ALA B 109 -21.84 -11.81 -7.97
CA ALA B 109 -22.72 -12.94 -8.20
C ALA B 109 -23.36 -12.87 -9.59
N ASP B 110 -23.86 -11.68 -9.97
CA ASP B 110 -24.42 -11.54 -11.30
C ASP B 110 -23.35 -11.76 -12.37
N ASP B 111 -22.15 -11.24 -12.14
CA ASP B 111 -21.08 -11.46 -13.11
C ASP B 111 -20.82 -12.95 -13.30
N ALA B 112 -20.70 -13.69 -12.20
CA ALA B 112 -20.47 -15.13 -12.30
C ALA B 112 -21.64 -15.84 -12.97
N ALA B 113 -22.85 -15.31 -12.82
CA ALA B 113 -24.00 -15.88 -13.50
C ALA B 113 -23.88 -15.70 -15.01
N ALA B 114 -23.40 -14.53 -15.46
CA ALA B 114 -23.30 -14.29 -16.90
C ALA B 114 -22.30 -15.23 -17.56
N LEU B 115 -21.31 -15.71 -16.81
CA LEU B 115 -20.36 -16.68 -17.38
C LEU B 115 -20.95 -18.08 -17.50
N GLU B 116 -22.05 -18.36 -16.79
CA GLU B 116 -22.71 -19.67 -16.87
C GLU B 116 -21.81 -20.75 -16.30
N SER C 5 -5.53 -1.47 12.90
CA SER C 5 -4.57 -2.43 12.35
C SER C 5 -4.12 -3.47 13.39
N ASP C 6 -4.48 -4.74 13.21
CA ASP C 6 -3.75 -5.81 13.89
C ASP C 6 -2.35 -6.00 13.29
N ALA C 7 -2.04 -5.28 12.21
CA ALA C 7 -0.73 -5.39 11.57
C ALA C 7 0.38 -4.87 12.48
N ARG C 8 0.06 -3.90 13.33
CA ARG C 8 1.02 -3.44 14.33
C ARG C 8 1.21 -4.46 15.45
N ASP C 9 0.35 -5.47 15.55
CA ASP C 9 0.51 -6.54 16.52
C ASP C 9 1.29 -7.73 15.97
N LEU C 10 1.83 -7.64 14.75
CA LEU C 10 2.56 -8.75 14.18
C LEU C 10 3.89 -8.96 14.90
N THR C 11 4.43 -10.17 14.78
CA THR C 11 5.73 -10.47 15.35
CA THR C 11 5.73 -10.47 15.36
C THR C 11 6.84 -9.92 14.46
N ALA C 12 8.03 -9.79 15.03
CA ALA C 12 9.14 -9.30 14.23
C ALA C 12 9.35 -10.18 13.01
N PHE C 13 9.23 -11.49 13.20
CA PHE C 13 9.41 -12.44 12.11
C PHE C 13 8.42 -12.16 10.98
N GLN C 14 7.14 -11.99 11.32
CA GLN C 14 6.13 -11.73 10.29
C GLN C 14 6.38 -10.38 9.62
N LYS C 15 6.77 -9.37 10.39
CA LYS C 15 7.06 -8.08 9.78
C LYS C 15 8.24 -8.20 8.83
N ASN C 16 9.20 -9.05 9.16
CA ASN C 16 10.34 -9.25 8.28
C ASN C 16 9.90 -9.95 6.99
N ILE C 17 8.97 -10.91 7.12
CA ILE C 17 8.40 -11.51 5.91
C ILE C 17 7.80 -10.42 5.03
N LEU C 18 7.00 -9.53 5.61
CA LEU C 18 6.40 -8.49 4.81
C LEU C 18 7.47 -7.61 4.16
N THR C 19 8.54 -7.28 4.90
CA THR C 19 9.61 -6.46 4.32
C THR C 19 10.18 -7.13 3.08
N VAL C 20 10.49 -8.42 3.21
CA VAL C 20 11.00 -9.22 2.11
C VAL C 20 10.05 -9.14 0.92
N LEU C 21 8.76 -9.38 1.17
CA LEU C 21 7.80 -9.37 0.07
C LEU C 21 7.65 -7.96 -0.52
N GLY C 22 7.91 -6.93 0.27
CA GLY C 22 7.87 -5.58 -0.25
C GLY C 22 8.99 -5.33 -1.23
N GLU C 23 10.11 -6.04 -1.07
CA GLU C 23 11.13 -5.98 -2.12
C GLU C 23 10.60 -6.57 -3.42
N GLU C 24 10.15 -7.83 -3.38
CA GLU C 24 9.49 -8.44 -4.52
C GLU C 24 8.75 -9.68 -4.06
N ALA C 25 7.67 -10.03 -4.77
CA ALA C 25 6.96 -11.26 -4.50
C ALA C 25 7.85 -12.45 -4.80
N ARG C 26 7.66 -13.52 -4.04
CA ARG C 26 8.59 -14.63 -4.06
C ARG C 26 7.86 -15.89 -3.63
N TYR C 27 8.46 -17.03 -3.95
CA TYR C 27 7.95 -18.30 -3.50
C TYR C 27 8.59 -18.67 -2.16
N GLY C 28 7.92 -19.58 -1.45
CA GLY C 28 8.26 -19.90 -0.08
C GLY C 28 9.73 -19.98 0.25
N LEU C 29 10.44 -20.94 -0.34
CA LEU C 29 11.82 -21.15 0.05
C LEU C 29 12.71 -19.97 -0.33
N ALA C 30 12.31 -19.15 -1.32
CA ALA C 30 13.06 -17.93 -1.59
C ALA C 30 12.94 -16.96 -0.43
N ILE C 31 11.76 -16.89 0.18
CA ILE C 31 11.60 -16.09 1.38
C ILE C 31 12.45 -16.67 2.50
N LYS C 32 12.44 -18.00 2.61
CA LYS C 32 13.26 -18.66 3.62
C LYS C 32 14.70 -18.21 3.50
N ARG C 33 15.22 -18.22 2.27
CA ARG C 33 16.63 -17.86 2.07
C ARG C 33 16.89 -16.39 2.35
N GLU C 34 15.98 -15.50 1.92
CA GLU C 34 16.17 -14.07 2.19
C GLU C 34 16.18 -13.80 3.69
N LEU C 35 15.21 -14.38 4.42
CA LEU C 35 15.22 -14.27 5.87
C LEU C 35 16.48 -14.89 6.47
N GLU C 36 16.98 -15.96 5.86
CA GLU C 36 18.17 -16.62 6.39
C GLU C 36 19.39 -15.72 6.26
N GLU C 37 19.45 -14.92 5.20
CA GLU C 37 20.54 -13.96 5.10
C GLU C 37 20.33 -12.79 6.06
N TYR C 38 19.08 -12.44 6.38
CA TYR C 38 18.89 -11.40 7.38
C TYR C 38 19.32 -11.91 8.77
N TYR C 39 18.80 -13.06 9.20
CA TYR C 39 19.07 -13.58 10.53
C TYR C 39 20.43 -14.25 10.67
N GLY C 40 21.13 -14.51 9.56
CA GLY C 40 22.42 -15.16 9.67
C GLY C 40 22.39 -16.58 10.20
N GLU C 41 21.25 -17.25 10.10
CA GLU C 41 21.11 -18.60 10.61
C GLU C 41 19.92 -19.26 9.93
N GLU C 42 19.93 -20.59 9.90
CA GLU C 42 18.89 -21.33 9.20
C GLU C 42 17.52 -21.02 9.81
N VAL C 43 16.50 -20.99 8.93
CA VAL C 43 15.12 -20.69 9.32
C VAL C 43 14.27 -21.89 8.98
N ASN C 44 13.71 -22.55 9.99
CA ASN C 44 12.97 -23.78 9.75
C ASN C 44 11.69 -23.47 8.99
N HIS C 45 11.37 -24.31 8.00
CA HIS C 45 10.19 -24.06 7.17
C HIS C 45 8.91 -24.36 7.92
N GLY C 46 8.96 -25.22 8.93
CA GLY C 46 7.83 -25.41 9.81
C GLY C 46 7.46 -24.18 10.61
N ARG C 47 8.27 -23.14 10.55
CA ARG C 47 7.97 -21.84 11.14
C ARG C 47 7.51 -20.86 10.09
N LEU C 48 8.14 -20.89 8.92
CA LEU C 48 7.81 -19.93 7.88
C LEU C 48 6.40 -20.18 7.34
N TYR C 49 6.06 -21.43 7.05
CA TYR C 49 4.84 -21.61 6.29
C TYR C 49 3.57 -21.28 7.07
N PRO C 50 3.44 -21.68 8.34
CA PRO C 50 2.27 -21.25 9.11
C PRO C 50 2.22 -19.75 9.31
N ASN C 51 3.37 -19.07 9.27
CA ASN C 51 3.40 -17.62 9.43
C ASN C 51 2.96 -16.91 8.15
N LEU C 52 3.34 -17.45 6.98
CA LEU C 52 2.74 -16.96 5.75
C LEU C 52 1.25 -17.21 5.72
N ASP C 53 0.81 -18.37 6.22
CA ASP C 53 -0.63 -18.62 6.25
C ASP C 53 -1.32 -17.65 7.20
N ASP C 54 -0.67 -17.29 8.31
CA ASP C 54 -1.25 -16.29 9.19
CA ASP C 54 -1.21 -16.28 9.20
C ASP C 54 -1.34 -14.94 8.49
N LEU C 55 -0.29 -14.54 7.78
CA LEU C 55 -0.31 -13.26 7.08
C LEU C 55 -1.36 -13.25 5.98
N VAL C 56 -1.60 -14.40 5.36
CA VAL C 56 -2.64 -14.50 4.36
C VAL C 56 -4.01 -14.35 5.02
N ASN C 57 -4.23 -15.10 6.08
CA ASN C 57 -5.51 -15.03 6.78
C ASN C 57 -5.80 -13.64 7.31
N LYS C 58 -4.78 -12.84 7.60
CA LYS C 58 -5.03 -11.48 8.10
C LYS C 58 -5.11 -10.47 6.97
N GLY C 59 -5.14 -10.93 5.73
CA GLY C 59 -5.37 -10.05 4.60
C GLY C 59 -4.15 -9.34 4.08
N LEU C 60 -2.96 -9.68 4.57
CA LEU C 60 -1.76 -8.91 4.24
C LEU C 60 -0.96 -9.52 3.11
N VAL C 61 -1.12 -10.80 2.87
CA VAL C 61 -0.40 -11.48 1.83
C VAL C 61 -1.42 -12.25 1.00
N GLU C 62 -1.10 -12.44 -0.27
CA GLU C 62 -1.88 -13.31 -1.11
C GLU C 62 -1.00 -14.44 -1.63
N LYS C 63 -1.61 -15.63 -1.71
CA LYS C 63 -0.95 -16.87 -2.05
C LYS C 63 -1.50 -17.36 -3.38
N SER C 64 -0.62 -17.63 -4.33
CA SER C 64 -1.01 -18.11 -5.65
C SER C 64 -0.19 -19.33 -5.99
N GLU C 65 -0.69 -20.15 -6.91
CA GLU C 65 0.09 -21.26 -7.40
C GLU C 65 0.96 -20.78 -8.56
N LEU C 66 2.28 -20.99 -8.45
CA LEU C 66 3.11 -20.90 -9.64
C LEU C 66 3.06 -22.22 -10.40
N ASP C 67 3.24 -23.33 -9.69
CA ASP C 67 2.86 -24.64 -10.21
C ASP C 67 2.19 -25.41 -9.07
N LYS C 68 1.97 -26.72 -9.28
CA LYS C 68 1.24 -27.56 -8.33
C LYS C 68 2.02 -27.84 -7.06
N ARG C 69 3.31 -27.49 -7.02
CA ARG C 69 4.13 -27.66 -5.83
C ARG C 69 4.69 -26.36 -5.27
N THR C 70 4.49 -25.25 -5.96
CA THR C 70 5.13 -23.98 -5.61
C THR C 70 4.08 -22.88 -5.49
N ASN C 71 4.25 -22.02 -4.50
CA ASN C 71 3.36 -20.89 -4.31
C ASN C 71 4.14 -19.60 -4.47
N GLU C 72 3.50 -18.60 -5.04
CA GLU C 72 4.01 -17.24 -5.00
C GLU C 72 3.26 -16.47 -3.92
N TYR C 73 4.01 -15.70 -3.14
CA TYR C 73 3.49 -14.92 -2.03
C TYR C 73 3.74 -13.46 -2.33
N ALA C 74 2.69 -12.65 -2.30
CA ALA C 74 2.84 -11.23 -2.60
C ALA C 74 2.11 -10.41 -1.57
N LEU C 75 2.51 -9.16 -1.40
CA LEU C 75 1.76 -8.27 -0.53
C LEU C 75 0.42 -7.91 -1.19
N THR C 76 -0.64 -7.91 -0.40
CA THR C 76 -1.86 -7.27 -0.87
C THR C 76 -1.71 -5.76 -0.76
N ASN C 77 -2.71 -5.05 -1.27
CA ASN C 77 -2.84 -3.61 -1.00
C ASN C 77 -2.70 -3.35 0.49
N GLU C 78 -3.27 -4.23 1.31
CA GLU C 78 -3.30 -4.03 2.76
C GLU C 78 -1.95 -4.31 3.38
N GLY C 79 -1.24 -5.33 2.90
CA GLY C 79 0.08 -5.59 3.41
C GLY C 79 1.04 -4.49 3.02
N PHE C 80 0.88 -3.97 1.80
CA PHE C 80 1.66 -2.83 1.37
C PHE C 80 1.41 -1.64 2.27
N ASP C 81 0.15 -1.40 2.62
CA ASP C 81 -0.13 -0.31 3.54
C ASP C 81 0.49 -0.58 4.90
N ALA C 82 0.59 -1.84 5.30
CA ALA C 82 1.22 -2.17 6.57
C ALA C 82 2.71 -1.81 6.53
N VAL C 83 3.41 -2.24 5.48
CA VAL C 83 4.83 -1.92 5.34
C VAL C 83 5.04 -0.41 5.31
N VAL C 84 4.23 0.29 4.52
CA VAL C 84 4.35 1.74 4.45
C VAL C 84 4.10 2.36 5.82
N ASP C 85 2.98 1.99 6.46
CA ASP C 85 2.61 2.59 7.73
C ASP C 85 3.71 2.43 8.77
N ASP C 86 4.30 1.23 8.87
CA ASP C 86 5.34 1.07 9.87
C ASP C 86 6.60 1.83 9.48
N LEU C 87 6.94 1.87 8.19
CA LEU C 87 8.07 2.71 7.79
C LEU C 87 7.83 4.16 8.19
N GLU C 88 6.60 4.65 7.99
CA GLU C 88 6.27 6.02 8.32
C GLU C 88 6.36 6.26 9.83
N TRP C 89 6.02 5.26 10.63
CA TRP C 89 6.15 5.45 12.07
C TRP C 89 7.62 5.47 12.48
N THR C 90 8.38 4.51 11.98
CA THR C 90 9.80 4.45 12.28
C THR C 90 10.45 5.79 11.97
N LEU C 91 10.16 6.34 10.79
CA LEU C 91 10.80 7.58 10.38
C LEU C 91 10.27 8.77 11.17
N SER C 92 8.96 8.79 11.49
CA SER C 92 8.45 9.90 12.29
C SER C 92 9.21 10.01 13.60
N LYS C 93 9.70 8.87 14.12
CA LYS C 93 10.49 8.92 15.35
C LYS C 93 11.99 9.11 15.09
N PHE C 94 12.52 8.57 14.01
CA PHE C 94 13.96 8.70 13.77
C PHE C 94 14.33 10.10 13.29
N VAL C 95 13.55 10.65 12.36
CA VAL C 95 13.83 11.97 11.81
C VAL C 95 13.43 13.03 12.83
N ALA C 96 14.32 13.26 13.80
CA ALA C 96 14.03 14.19 14.88
C ALA C 96 14.73 15.53 14.73
N ASP C 97 15.75 15.61 13.87
CA ASP C 97 16.43 16.86 13.60
C ASP C 97 17.05 16.77 12.20
N ALA C 98 17.61 17.88 11.74
CA ALA C 98 18.15 17.92 10.38
C ALA C 98 19.26 16.89 10.15
N ASP C 99 19.91 16.41 11.22
CA ASP C 99 20.97 15.42 11.10
C ASP C 99 20.39 14.05 10.82
N ARG C 100 19.44 13.59 11.64
CA ARG C 100 18.73 12.36 11.32
C ARG C 100 18.21 12.46 9.89
N ARG C 101 17.63 13.59 9.53
CA ARG C 101 17.06 13.71 8.19
C ARG C 101 18.13 13.49 7.14
N GLU C 102 19.25 14.19 7.26
CA GLU C 102 20.29 14.05 6.25
C GLU C 102 20.82 12.62 6.21
N ARG C 103 20.98 11.99 7.37
CA ARG C 103 21.40 10.59 7.41
C ARG C 103 20.44 9.71 6.62
N VAL C 104 19.15 9.90 6.81
CA VAL C 104 18.17 9.12 6.07
C VAL C 104 18.28 9.40 4.56
N GLU C 105 18.34 10.67 4.19
CA GLU C 105 18.48 11.02 2.78
C GLU C 105 19.68 10.29 2.18
N THR C 106 20.78 10.19 2.93
CA THR C 106 21.99 9.56 2.41
C THR C 106 21.79 8.06 2.23
N ILE C 107 21.13 7.42 3.20
CA ILE C 107 20.79 6.00 3.06
C ILE C 107 19.95 5.77 1.82
N VAL C 108 18.92 6.59 1.64
CA VAL C 108 18.01 6.43 0.51
C VAL C 108 18.74 6.66 -0.80
N ALA C 109 19.58 7.70 -0.86
CA ALA C 109 20.33 7.99 -2.06
C ALA C 109 21.25 6.83 -2.41
N ASP C 110 21.92 6.26 -1.41
CA ASP C 110 22.78 5.11 -1.65
C ASP C 110 21.98 3.94 -2.20
N ASP C 111 20.89 3.58 -1.54
CA ASP C 111 20.08 2.47 -2.02
C ASP C 111 19.63 2.70 -3.46
N ALA C 112 19.19 3.92 -3.78
CA ALA C 112 18.73 4.17 -5.14
C ALA C 112 19.88 4.04 -6.14
N ALA C 113 21.06 4.52 -5.78
CA ALA C 113 22.17 4.41 -6.72
C ALA C 113 22.57 2.96 -6.95
N ALA C 114 22.46 2.12 -5.92
CA ALA C 114 22.85 0.72 -6.07
C ALA C 114 21.91 -0.04 -7.01
N LEU C 115 20.69 0.46 -7.21
CA LEU C 115 19.82 -0.14 -8.22
C LEU C 115 20.41 -0.05 -9.61
N GLU C 116 21.47 0.75 -9.79
CA GLU C 116 22.27 0.74 -11.00
C GLU C 116 21.47 1.28 -12.18
N ALA D 3 25.95 -4.66 15.20
CA ALA D 3 24.62 -4.05 15.16
C ALA D 3 23.58 -5.01 14.62
N ARG D 4 23.94 -5.74 13.55
CA ARG D 4 22.98 -6.65 12.94
C ARG D 4 22.59 -7.77 13.91
N SER D 5 23.56 -8.35 14.63
CA SER D 5 23.24 -9.42 15.57
C SER D 5 22.51 -8.88 16.80
N ASP D 6 22.67 -7.60 17.09
CA ASP D 6 21.92 -7.02 18.20
C ASP D 6 20.42 -6.92 17.84
N ALA D 7 20.10 -6.28 16.72
CA ALA D 7 18.70 -6.00 16.43
C ALA D 7 17.95 -7.28 16.06
N ARG D 8 18.56 -8.13 15.25
CA ARG D 8 17.79 -9.12 14.50
C ARG D 8 17.00 -10.05 15.41
N ASP D 9 17.45 -10.27 16.64
CA ASP D 9 16.65 -11.20 17.43
C ASP D 9 15.80 -10.50 18.50
N LEU D 10 15.75 -9.17 18.48
CA LEU D 10 14.77 -8.45 19.29
C LEU D 10 13.35 -8.87 18.93
N THR D 11 12.43 -8.61 19.87
CA THR D 11 11.00 -8.71 19.60
C THR D 11 10.48 -7.41 18.99
N ALA D 12 9.30 -7.48 18.39
CA ALA D 12 8.71 -6.28 17.81
C ALA D 12 8.48 -5.23 18.88
N PHE D 13 7.98 -5.66 20.04
CA PHE D 13 7.79 -4.76 21.18
C PHE D 13 9.11 -4.10 21.58
N GLN D 14 10.17 -4.89 21.74
CA GLN D 14 11.46 -4.34 22.10
C GLN D 14 11.97 -3.35 21.03
N LYS D 15 11.75 -3.69 19.76
CA LYS D 15 12.24 -2.81 18.70
C LYS D 15 11.46 -1.50 18.67
N ASN D 16 10.16 -1.57 18.97
CA ASN D 16 9.36 -0.35 19.07
C ASN D 16 9.83 0.52 20.23
N ILE D 17 10.24 -0.12 21.33
CA ILE D 17 10.81 0.64 22.44
C ILE D 17 12.07 1.37 21.96
N LEU D 18 12.94 0.65 21.26
CA LEU D 18 14.14 1.32 20.76
C LEU D 18 13.76 2.47 19.84
N THR D 19 12.70 2.32 19.06
CA THR D 19 12.29 3.40 18.14
C THR D 19 11.86 4.65 18.90
N VAL D 20 10.97 4.49 19.89
CA VAL D 20 10.56 5.67 20.65
C VAL D 20 11.75 6.31 21.33
N LEU D 21 12.65 5.50 21.90
CA LEU D 21 13.83 6.10 22.51
C LEU D 21 14.74 6.74 21.47
N GLY D 22 14.63 6.30 20.21
CA GLY D 22 15.39 6.96 19.16
C GLY D 22 14.91 8.37 18.91
N GLU D 23 13.62 8.64 19.15
CA GLU D 23 13.18 10.03 19.11
C GLU D 23 13.85 10.86 20.22
N GLU D 24 13.85 10.34 21.44
CA GLU D 24 14.49 11.03 22.57
C GLU D 24 14.42 10.14 23.80
N ALA D 25 15.35 10.33 24.74
CA ALA D 25 15.27 9.62 26.01
C ALA D 25 13.99 10.01 26.74
N ARG D 26 13.40 9.03 27.43
CA ARG D 26 12.14 9.22 28.12
CA ARG D 26 12.15 9.24 28.14
C ARG D 26 12.11 8.37 29.39
N TYR D 27 11.21 8.72 30.30
CA TYR D 27 11.02 7.92 31.49
C TYR D 27 9.96 6.86 31.21
N GLY D 28 9.81 5.93 32.15
CA GLY D 28 9.04 4.72 31.89
C GLY D 28 7.63 4.92 31.36
N LEU D 29 6.80 5.64 32.12
CA LEU D 29 5.42 5.80 31.70
C LEU D 29 5.29 6.63 30.43
N ALA D 30 6.28 7.48 30.12
CA ALA D 30 6.26 8.19 28.85
C ALA D 30 6.43 7.23 27.68
N ILE D 31 7.35 6.27 27.80
CA ILE D 31 7.47 5.23 26.79
C ILE D 31 6.18 4.45 26.69
N LYS D 32 5.61 4.07 27.84
CA LYS D 32 4.33 3.37 27.85
C LYS D 32 3.30 4.11 27.01
N ARG D 33 3.20 5.43 27.18
CA ARG D 33 2.19 6.18 26.42
C ARG D 33 2.55 6.28 24.94
N GLU D 34 3.83 6.44 24.62
CA GLU D 34 4.21 6.46 23.20
C GLU D 34 3.83 5.15 22.52
N LEU D 35 4.10 4.03 23.19
CA LEU D 35 3.76 2.73 22.62
C LEU D 35 2.25 2.54 22.55
N GLU D 36 1.52 3.01 23.57
CA GLU D 36 0.07 2.91 23.54
C GLU D 36 -0.50 3.69 22.36
N GLU D 37 0.10 4.83 22.04
CA GLU D 37 -0.39 5.56 20.87
C GLU D 37 -0.05 4.81 19.58
N TYR D 38 1.09 4.12 19.54
CA TYR D 38 1.41 3.31 18.37
C TYR D 38 0.40 2.17 18.22
N TYR D 39 0.27 1.34 19.25
CA TYR D 39 -0.57 0.16 19.19
C TYR D 39 -2.05 0.49 19.23
N GLY D 40 -2.43 1.65 19.75
CA GLY D 40 -3.83 1.99 19.86
C GLY D 40 -4.55 1.23 20.94
N GLU D 41 -3.82 0.71 21.92
CA GLU D 41 -4.40 0.00 23.05
C GLU D 41 -3.46 0.14 24.23
N GLU D 42 -3.99 -0.16 25.41
CA GLU D 42 -3.21 -0.06 26.63
C GLU D 42 -2.06 -1.06 26.63
N VAL D 43 -0.90 -0.60 27.07
CA VAL D 43 0.29 -1.42 27.24
C VAL D 43 0.50 -1.64 28.73
N ASN D 44 0.49 -2.90 29.15
CA ASN D 44 0.70 -3.21 30.56
C ASN D 44 2.12 -2.82 30.98
N HIS D 45 2.24 -2.23 32.18
CA HIS D 45 3.55 -1.84 32.65
C HIS D 45 4.36 -3.05 33.11
N GLY D 46 3.69 -4.09 33.59
CA GLY D 46 4.35 -5.37 33.87
C GLY D 46 4.93 -6.04 32.64
N ARG D 47 4.62 -5.54 31.45
CA ARG D 47 5.26 -5.95 30.21
C ARG D 47 6.40 -5.02 29.82
N LEU D 48 6.21 -3.72 30.05
CA LEU D 48 7.19 -2.73 29.61
C LEU D 48 8.46 -2.83 30.43
N TYR D 49 8.36 -2.76 31.75
CA TYR D 49 9.57 -2.61 32.55
C TYR D 49 10.53 -3.79 32.41
N PRO D 50 10.09 -5.05 32.57
CA PRO D 50 11.05 -6.16 32.35
C PRO D 50 11.67 -6.15 30.97
N ASN D 51 10.97 -5.67 29.95
CA ASN D 51 11.55 -5.59 28.62
C ASN D 51 12.58 -4.46 28.52
N LEU D 52 12.28 -3.30 29.11
CA LEU D 52 13.29 -2.25 29.16
C LEU D 52 14.53 -2.75 29.86
N ASP D 53 14.36 -3.50 30.95
CA ASP D 53 15.59 -3.92 31.61
C ASP D 53 16.30 -5.03 30.81
N ASP D 54 15.56 -5.88 30.08
CA ASP D 54 16.29 -6.82 29.23
C ASP D 54 17.10 -6.11 28.17
N LEU D 55 16.55 -5.03 27.60
CA LEU D 55 17.34 -4.26 26.64
C LEU D 55 18.56 -3.62 27.31
N VAL D 56 18.39 -3.18 28.56
CA VAL D 56 19.52 -2.66 29.33
C VAL D 56 20.61 -3.72 29.48
N ASN D 57 20.21 -4.96 29.74
CA ASN D 57 21.15 -6.06 29.92
C ASN D 57 21.95 -6.33 28.66
N LYS D 58 21.30 -6.18 27.50
CA LYS D 58 21.98 -6.41 26.24
C LYS D 58 22.71 -5.18 25.75
N GLY D 59 22.80 -4.13 26.56
CA GLY D 59 23.61 -2.98 26.24
C GLY D 59 23.00 -2.01 25.25
N LEU D 60 21.70 -2.14 24.97
CA LEU D 60 21.03 -1.27 24.01
C LEU D 60 20.32 -0.10 24.66
N VAL D 61 20.11 -0.13 25.96
CA VAL D 61 19.44 0.94 26.68
C VAL D 61 20.21 1.21 27.96
N GLU D 62 20.17 2.46 28.38
CA GLU D 62 20.80 2.93 29.60
C GLU D 62 19.72 3.36 30.57
N LYS D 63 19.82 2.85 31.80
CA LYS D 63 18.88 3.06 32.89
C LYS D 63 19.55 4.01 33.87
N SER D 64 19.01 5.21 34.05
CA SER D 64 19.60 6.13 35.01
C SER D 64 18.48 6.77 35.82
N GLU D 65 18.84 7.30 36.98
CA GLU D 65 17.88 7.85 37.91
C GLU D 65 17.59 9.32 37.57
N LEU D 66 16.31 9.67 37.43
CA LEU D 66 15.95 11.08 37.29
C LEU D 66 15.46 11.67 38.60
N ASP D 67 14.63 10.95 39.34
CA ASP D 67 14.46 11.11 40.78
C ASP D 67 14.41 9.70 41.38
N LYS D 68 14.18 9.62 42.69
CA LYS D 68 14.23 8.32 43.35
C LYS D 68 12.95 7.51 43.19
N ARG D 69 11.96 8.01 42.43
CA ARG D 69 10.85 7.20 41.96
C ARG D 69 10.79 7.06 40.45
N THR D 70 11.58 7.83 39.71
CA THR D 70 11.51 7.90 38.26
C THR D 70 12.86 7.54 37.66
N ASN D 71 12.85 6.65 36.66
CA ASN D 71 14.05 6.37 35.91
C ASN D 71 13.90 6.92 34.51
N GLU D 72 15.02 7.38 33.95
CA GLU D 72 15.09 7.77 32.56
C GLU D 72 15.85 6.73 31.75
N TYR D 73 15.30 6.40 30.59
CA TYR D 73 15.84 5.37 29.70
C TYR D 73 16.28 6.05 28.41
N ALA D 74 17.51 5.75 27.99
CA ALA D 74 18.04 6.34 26.76
C ALA D 74 18.73 5.25 25.95
N LEU D 75 18.95 5.52 24.68
CA LEU D 75 19.69 4.58 23.85
C LEU D 75 21.18 4.68 24.17
N THR D 76 21.82 3.54 24.36
CA THR D 76 23.27 3.49 24.24
C THR D 76 23.63 3.75 22.78
N ASN D 77 24.92 3.75 22.45
CA ASN D 77 25.23 3.87 21.03
C ASN D 77 25.14 2.52 20.33
N GLU D 78 25.28 1.42 21.07
CA GLU D 78 24.95 0.11 20.50
C GLU D 78 23.46 0.03 20.16
N GLY D 79 22.61 0.61 21.02
CA GLY D 79 21.20 0.67 20.70
C GLY D 79 20.91 1.59 19.53
N PHE D 80 21.63 2.71 19.45
CA PHE D 80 21.42 3.57 18.29
C PHE D 80 21.80 2.84 17.01
N ASP D 81 22.89 2.08 17.04
CA ASP D 81 23.28 1.38 15.83
C ASP D 81 22.33 0.23 15.52
N ALA D 82 21.71 -0.38 16.52
CA ALA D 82 20.64 -1.34 16.22
C ALA D 82 19.50 -0.67 15.48
N VAL D 83 19.05 0.48 16.00
CA VAL D 83 17.99 1.25 15.34
C VAL D 83 18.37 1.53 13.90
N VAL D 84 19.58 2.08 13.70
CA VAL D 84 20.02 2.48 12.36
C VAL D 84 20.08 1.27 11.44
N ASP D 85 20.57 0.13 11.94
CA ASP D 85 20.73 -1.02 11.07
C ASP D 85 19.39 -1.58 10.62
N ASP D 86 18.42 -1.66 11.55
CA ASP D 86 17.11 -2.13 11.14
C ASP D 86 16.47 -1.15 10.16
N LEU D 87 16.67 0.15 10.36
CA LEU D 87 16.13 1.12 9.40
C LEU D 87 16.77 0.94 8.03
N GLU D 88 18.08 0.76 8.00
CA GLU D 88 18.77 0.55 6.73
C GLU D 88 18.33 -0.75 6.07
N TRP D 89 17.94 -1.75 6.84
CA TRP D 89 17.48 -3.00 6.21
C TRP D 89 16.10 -2.81 5.60
N THR D 90 15.15 -2.23 6.36
CA THR D 90 13.83 -2.07 5.78
C THR D 90 13.89 -1.15 4.57
N LEU D 91 14.76 -0.13 4.58
CA LEU D 91 14.87 0.72 3.40
C LEU D 91 15.57 0.00 2.25
N SER D 92 16.59 -0.80 2.55
CA SER D 92 17.27 -1.59 1.53
C SER D 92 16.30 -2.44 0.75
N LYS D 93 15.27 -2.94 1.43
CA LYS D 93 14.24 -3.74 0.78
C LYS D 93 13.11 -2.89 0.18
N PHE D 94 12.79 -1.75 0.78
CA PHE D 94 11.66 -0.95 0.31
C PHE D 94 12.02 -0.13 -0.93
N VAL D 95 13.17 0.53 -0.91
CA VAL D 95 13.61 1.34 -2.03
C VAL D 95 14.05 0.39 -3.12
N ALA D 96 13.07 -0.18 -3.82
CA ALA D 96 13.31 -1.16 -4.87
C ALA D 96 13.28 -0.55 -6.26
N ASP D 97 12.80 0.69 -6.40
CA ASP D 97 12.74 1.36 -7.68
C ASP D 97 12.57 2.85 -7.44
N ALA D 98 12.60 3.63 -8.53
CA ALA D 98 12.54 5.08 -8.43
C ALA D 98 11.29 5.55 -7.71
N ASP D 99 10.14 4.91 -7.98
CA ASP D 99 8.90 5.37 -7.36
C ASP D 99 8.91 5.12 -5.86
N ARG D 100 9.43 3.97 -5.44
CA ARG D 100 9.62 3.74 -4.01
C ARG D 100 10.52 4.81 -3.40
N ARG D 101 11.62 5.15 -4.09
CA ARG D 101 12.50 6.19 -3.55
C ARG D 101 11.73 7.49 -3.38
N GLU D 102 10.96 7.88 -4.39
CA GLU D 102 10.20 9.12 -4.26
C GLU D 102 9.21 9.04 -3.10
N ARG D 103 8.55 7.89 -2.93
CA ARG D 103 7.63 7.74 -1.81
C ARG D 103 8.33 8.02 -0.49
N VAL D 104 9.49 7.39 -0.28
CA VAL D 104 10.22 7.60 0.97
C VAL D 104 10.63 9.05 1.10
N GLU D 105 10.97 9.70 -0.01
CA GLU D 105 11.37 11.10 0.07
C GLU D 105 10.21 11.98 0.49
N THR D 106 9.01 11.72 -0.01
CA THR D 106 7.88 12.57 0.39
C THR D 106 7.53 12.34 1.85
N ILE D 107 7.68 11.11 2.34
CA ILE D 107 7.50 10.85 3.77
C ILE D 107 8.49 11.66 4.59
N VAL D 108 9.77 11.57 4.25
CA VAL D 108 10.80 12.26 5.03
C VAL D 108 10.57 13.75 4.98
N ALA D 109 10.22 14.28 3.81
CA ALA D 109 9.93 15.70 3.70
C ALA D 109 8.79 16.09 4.62
N ASP D 110 7.74 15.26 4.68
CA ASP D 110 6.62 15.59 5.58
C ASP D 110 7.06 15.58 7.03
N ASP D 111 7.87 14.60 7.44
CA ASP D 111 8.40 14.59 8.80
C ASP D 111 9.17 15.87 9.10
N ALA D 112 10.06 16.25 8.18
CA ALA D 112 10.86 17.45 8.39
C ALA D 112 9.97 18.68 8.48
N ALA D 113 8.95 18.76 7.63
CA ALA D 113 8.02 19.88 7.70
C ALA D 113 7.31 19.89 9.05
N ALA D 114 6.98 18.71 9.57
CA ALA D 114 6.30 18.63 10.86
C ALA D 114 7.16 19.14 12.00
N LEU D 115 8.48 18.96 11.93
CA LEU D 115 9.32 19.53 12.98
C LEU D 115 9.32 21.05 12.93
N GLU D 116 9.34 21.64 11.75
CA GLU D 116 9.40 23.09 11.58
C GLU D 116 10.68 23.66 12.19
MN MN I . 0.40 21.92 -1.55
MN MN J . 1.75 13.55 1.94
MN MN K . -4.68 5.85 -10.54
MN MN L . -16.48 -12.43 0.30
S SO4 M . -23.07 25.46 2.93
O1 SO4 M . -23.76 24.40 2.20
O2 SO4 M . -22.12 26.12 2.04
O3 SO4 M . -24.06 26.44 3.39
O4 SO4 M . -22.38 24.92 4.09
S SO4 N . -14.23 -21.37 -14.88
O1 SO4 N . -15.42 -20.49 -14.96
O2 SO4 N . -13.49 -21.32 -16.14
O3 SO4 N . -13.36 -20.92 -13.80
O4 SO4 N . -14.65 -22.74 -14.61
S SO4 O . -6.47 13.26 7.96
O1 SO4 O . -6.84 14.62 8.33
O2 SO4 O . -6.00 13.23 6.57
O3 SO4 O . -7.63 12.38 8.12
O4 SO4 O . -5.40 12.79 8.85
S SO4 P . -20.96 -2.79 -19.81
O1 SO4 P . -22.30 -3.24 -20.23
O2 SO4 P . -20.60 -1.61 -20.58
O3 SO4 P . -20.98 -2.48 -18.39
O4 SO4 P . -19.98 -3.84 -20.05
O1 MES Q . -5.25 -12.29 -1.04
C2 MES Q . -5.32 -13.60 -0.52
C3 MES Q . -5.37 -14.64 -1.62
N4 MES Q . -6.54 -14.38 -2.50
C5 MES Q . -6.49 -12.98 -3.02
C6 MES Q . -6.38 -12.01 -1.86
C7 MES Q . -6.67 -15.39 -3.61
C8 MES Q . -7.89 -16.28 -3.44
S MES Q . -8.21 -17.32 -4.85
O1S MES Q . -8.44 -16.43 -5.96
O2S MES Q . -9.37 -18.09 -4.52
O3S MES Q . -7.04 -18.13 -5.03
H21 MES Q . -4.55 -13.76 0.05
H22 MES Q . -6.12 -13.69 0.03
H31 MES Q . -5.43 -15.53 -1.24
H32 MES Q . -4.55 -14.59 -2.15
HN4 MES Q . -7.30 -14.47 -2.00
H51 MES Q . -7.28 -12.80 -3.53
H52 MES Q . -5.71 -12.88 -3.60
H61 MES Q . -6.32 -11.10 -2.20
H62 MES Q . -7.19 -12.08 -1.31
H71 MES Q . -5.81 -15.96 -3.62
H72 MES Q . -6.72 -14.88 -4.49
H81 MES Q . -8.69 -15.75 -3.30
H82 MES Q . -7.78 -16.87 -2.68
MN MN R . -9.77 4.92 -36.14
MN MN S . -2.84 -0.09 -7.27
MN MN T . -6.12 -5.45 -0.37
MN MN U . -3.77 7.99 -22.52
S SO4 V . -24.63 1.47 -0.11
O1 SO4 V . -24.51 2.77 -0.76
O2 SO4 V . -24.11 0.42 -0.98
O3 SO4 V . -26.04 1.19 0.16
O4 SO4 V . -23.90 1.52 1.15
S SO4 W . -14.35 -8.81 -31.40
O1 SO4 W . -13.82 -9.19 -32.71
O2 SO4 W . -14.64 -7.37 -31.38
O3 SO4 W . -13.38 -9.14 -30.36
O4 SO4 W . -15.60 -9.53 -31.14
S SO4 X . 6.54 -12.34 -31.47
O1 SO4 X . 5.49 -13.29 -31.77
O2 SO4 X . 6.33 -11.10 -32.21
O3 SO4 X . 6.55 -12.07 -30.04
O4 SO4 X . 7.84 -12.89 -31.85
MN MN Y . 13.88 -26.07 6.77
MN MN Z . 2.13 -21.23 3.27
S SO4 AA . 16.97 -17.16 -4.42
O1 SO4 AA . 17.21 -18.10 -5.50
O2 SO4 AA . 16.41 -15.92 -4.97
O3 SO4 AA . 16.02 -17.73 -3.47
O4 SO4 AA . 18.23 -16.86 -3.73
S SO4 BA . 22.32 6.76 37.87
O1 SO4 BA . 20.95 6.36 38.11
O2 SO4 BA . 22.36 7.95 37.02
O3 SO4 BA . 22.96 7.07 39.15
O4 SO4 BA . 23.05 5.67 37.21
S SO4 CA . 17.79 13.02 23.92
O1 SO4 CA . 16.55 13.52 24.49
O2 SO4 CA . 17.75 13.17 22.47
O3 SO4 CA . 18.91 13.78 24.46
O4 SO4 CA . 17.96 11.60 24.27
S SO4 DA . -8.10 6.42 -41.55
O1 SO4 DA . -7.89 7.86 -41.44
O2 SO4 DA . -9.37 6.17 -42.22
O3 SO4 DA . -7.01 5.83 -42.33
O4 SO4 DA . -8.12 5.83 -40.22
S SO4 EA . 2.10 27.85 -0.55
O1 SO4 EA . 2.93 28.44 -1.60
O2 SO4 EA . 0.73 28.33 -0.70
O3 SO4 EA . 2.12 26.40 -0.68
O4 SO4 EA . 2.60 28.24 0.77
MN MN FA . 6.12 -15.30 14.13
S SO4 GA . 12.71 -32.47 6.15
O1 SO4 GA . 12.39 -31.12 5.70
O2 SO4 GA . 11.77 -33.42 5.56
O3 SO4 GA . 14.08 -32.81 5.75
O4 SO4 GA . 12.61 -32.53 7.61
S SO4 HA . -1.70 -1.21 39.71
O1 SO4 HA . -0.41 -0.85 39.12
O2 SO4 HA . -2.78 -0.67 38.90
O3 SO4 HA . -1.79 -2.67 39.75
O4 SO4 HA . -1.78 -0.67 41.06
#